data_4W4K
#
_entry.id   4W4K
#
_cell.length_a   40.980
_cell.length_b   49.480
_cell.length_c   284.350
_cell.angle_alpha   90.00
_cell.angle_beta   90.00
_cell.angle_gamma   90.00
#
_symmetry.space_group_name_H-M   'P 2 2 21'
#
loop_
_entity.id
_entity.type
_entity.pdbx_description
1 polymer 'PE family protein PE25'
2 polymer 'PPE family protein PPE41'
3 water water
#
loop_
_entity_poly.entity_id
_entity_poly.type
_entity_poly.pdbx_seq_one_letter_code
_entity_poly.pdbx_strand_id
1 'polypeptide(L)'
;MHHHHHHENLYFQTNPEALTVAATEVRRIRDRAIQSDAQVAPMTTAVRPPAADLVSEKAATFLVEYARKYRQTIAAAAVV
LEEFAHALTTGADKYATAEADNIKTFS
;
A,C
2 'polypeptide(L)'
;MHFEAYPPEVNSANIYAGPGPDSMLAAARAWRSLDVEMTAVQRSFNRTLLSLMDAWAGPVVMQLMEAAKPFVRWLTDLCV
QLSEVERQIHEIVRAYEWAHHDMVPLAQIYNNRAERQILIDNNALGQFTAQIADLDQEYDDFWDEDGEVMRDYRLRVSDA
LSKLTPWKAPPPIA
;
B,D
#
# COMPACT_ATOMS: atom_id res chain seq x y z
N PRO A 16 35.58 -10.55 -13.66
CA PRO A 16 35.40 -9.23 -13.06
C PRO A 16 34.17 -8.49 -13.60
N GLU A 17 34.01 -8.46 -14.91
CA GLU A 17 32.86 -7.82 -15.54
C GLU A 17 31.58 -8.56 -15.17
N ALA A 18 31.67 -9.88 -15.13
CA ALA A 18 30.53 -10.74 -14.83
C ALA A 18 30.00 -10.50 -13.42
N LEU A 19 30.88 -10.13 -12.50
CA LEU A 19 30.48 -9.85 -11.12
C LEU A 19 29.68 -8.56 -11.04
N THR A 20 30.08 -7.57 -11.82
CA THR A 20 29.37 -6.29 -11.85
C THR A 20 28.00 -6.50 -12.49
N VAL A 21 27.96 -7.33 -13.53
CA VAL A 21 26.71 -7.70 -14.18
C VAL A 21 25.81 -8.46 -13.22
N ALA A 22 26.39 -9.40 -12.47
CA ALA A 22 25.64 -10.17 -11.49
C ALA A 22 25.04 -9.27 -10.42
N ALA A 23 25.81 -8.29 -9.97
CA ALA A 23 25.36 -7.36 -8.94
C ALA A 23 24.13 -6.59 -9.39
N THR A 24 24.11 -6.22 -10.67
CA THR A 24 22.97 -5.48 -11.23
C THR A 24 21.72 -6.35 -11.34
N GLU A 25 21.90 -7.61 -11.74
CA GLU A 25 20.77 -8.52 -11.87
C GLU A 25 20.17 -8.82 -10.50
N VAL A 26 21.03 -8.92 -9.49
CA VAL A 26 20.60 -9.13 -8.11
C VAL A 26 19.79 -7.93 -7.62
N ARG A 27 20.29 -6.73 -7.88
CA ARG A 27 19.59 -5.52 -7.48
C ARG A 27 18.23 -5.40 -8.16
N ARG A 28 18.16 -5.85 -9.41
CA ARG A 28 16.91 -5.89 -10.14
C ARG A 28 15.92 -6.82 -9.45
N ILE A 29 16.41 -7.98 -9.02
CA ILE A 29 15.61 -8.97 -8.31
C ILE A 29 15.10 -8.42 -6.98
N ARG A 30 15.98 -7.72 -6.27
CA ARG A 30 15.61 -7.06 -5.02
C ARG A 30 14.46 -6.08 -5.26
N ASP A 31 14.62 -5.22 -6.26
CA ASP A 31 13.60 -4.23 -6.59
C ASP A 31 12.25 -4.86 -6.91
N ARG A 32 12.26 -5.94 -7.69
CA ARG A 32 11.04 -6.62 -8.10
C ARG A 32 10.32 -7.24 -6.89
N ALA A 33 11.09 -7.77 -5.94
CA ALA A 33 10.55 -8.35 -4.73
C ALA A 33 9.91 -7.27 -3.86
N ILE A 34 10.57 -6.12 -3.77
CA ILE A 34 10.08 -5.00 -2.98
C ILE A 34 8.86 -4.35 -3.63
N GLN A 35 8.87 -4.28 -4.95
N GLN A 35 8.87 -4.29 -4.96
CA GLN A 35 7.76 -3.68 -5.69
CA GLN A 35 7.77 -3.69 -5.70
C GLN A 35 6.50 -4.53 -5.55
C GLN A 35 6.49 -4.52 -5.58
N SER A 36 6.63 -5.84 -5.72
CA SER A 36 5.49 -6.75 -5.63
C SER A 36 4.91 -6.75 -4.22
N ASP A 37 5.79 -6.69 -3.22
CA ASP A 37 5.38 -6.58 -1.83
C ASP A 37 4.58 -5.31 -1.59
N ALA A 38 5.11 -4.19 -2.05
CA ALA A 38 4.45 -2.90 -1.88
C ALA A 38 3.14 -2.82 -2.66
N GLN A 39 3.09 -3.50 -3.80
CA GLN A 39 1.95 -3.38 -4.69
C GLN A 39 0.66 -3.95 -4.10
N VAL A 40 0.76 -5.02 -3.34
CA VAL A 40 -0.44 -5.70 -2.82
C VAL A 40 -0.65 -5.47 -1.33
N ALA A 41 0.33 -4.85 -0.68
CA ALA A 41 0.24 -4.49 0.73
C ALA A 41 -1.06 -3.75 1.09
N PRO A 42 -1.54 -2.82 0.25
CA PRO A 42 -2.82 -2.19 0.60
C PRO A 42 -4.01 -3.17 0.65
N MET A 43 -3.89 -4.33 0.00
CA MET A 43 -4.96 -5.34 0.03
C MET A 43 -4.77 -6.33 1.18
N THR A 44 -3.54 -6.81 1.36
CA THR A 44 -3.26 -7.86 2.34
C THR A 44 -3.34 -7.35 3.78
N THR A 45 -3.00 -6.08 3.98
CA THR A 45 -2.96 -5.51 5.33
C THR A 45 -4.27 -4.80 5.69
N ALA A 46 -5.26 -4.88 4.81
CA ALA A 46 -6.49 -4.14 5.01
C ALA A 46 -7.70 -5.05 5.13
N VAL A 47 -7.45 -6.33 5.41
CA VAL A 47 -8.53 -7.30 5.58
C VAL A 47 -9.47 -6.84 6.69
N ARG A 48 -10.77 -6.80 6.39
CA ARG A 48 -11.78 -6.42 7.37
C ARG A 48 -12.57 -7.65 7.80
N PRO A 49 -13.05 -7.66 9.06
CA PRO A 49 -13.94 -8.75 9.48
C PRO A 49 -15.18 -8.79 8.59
N PRO A 50 -15.55 -9.98 8.09
CA PRO A 50 -16.74 -10.10 7.25
C PRO A 50 -18.04 -9.90 8.04
N ALA A 51 -18.00 -10.10 9.36
CA ALA A 51 -19.17 -9.88 10.21
C ALA A 51 -18.76 -9.22 11.52
N ALA A 52 -19.72 -9.00 12.42
CA ALA A 52 -19.46 -8.28 13.67
C ALA A 52 -19.07 -9.20 14.81
N ASP A 53 -19.07 -10.51 14.56
CA ASP A 53 -18.78 -11.49 15.61
C ASP A 53 -17.30 -11.59 15.95
N LEU A 54 -16.99 -12.25 17.06
CA LEU A 54 -15.60 -12.33 17.53
C LEU A 54 -14.72 -13.21 16.65
N VAL A 55 -15.31 -14.23 16.02
CA VAL A 55 -14.54 -15.12 15.16
C VAL A 55 -14.07 -14.40 13.90
N SER A 56 -14.97 -13.63 13.28
CA SER A 56 -14.62 -12.89 12.07
C SER A 56 -13.50 -11.88 12.34
N GLU A 57 -13.61 -11.19 13.48
CA GLU A 57 -12.62 -10.19 13.86
C GLU A 57 -11.26 -10.83 14.10
N LYS A 58 -11.24 -11.98 14.78
CA LYS A 58 -9.98 -12.66 15.04
C LYS A 58 -9.34 -13.16 13.75
N ALA A 59 -10.15 -13.63 12.81
CA ALA A 59 -9.61 -14.04 11.51
C ALA A 59 -8.97 -12.86 10.78
N ALA A 60 -9.71 -11.75 10.72
CA ALA A 60 -9.22 -10.55 10.05
C ALA A 60 -7.93 -10.05 10.69
N THR A 61 -7.93 -9.96 12.01
CA THR A 61 -6.76 -9.51 12.75
C THR A 61 -5.54 -10.38 12.46
N PHE A 62 -5.74 -11.69 12.46
CA PHE A 62 -4.65 -12.62 12.15
C PHE A 62 -4.09 -12.35 10.75
N LEU A 63 -4.97 -12.27 9.75
CA LEU A 63 -4.53 -12.13 8.37
C LEU A 63 -3.77 -10.84 8.12
N VAL A 64 -4.16 -9.79 8.83
CA VAL A 64 -3.47 -8.50 8.75
C VAL A 64 -2.07 -8.60 9.36
N GLU A 65 -1.99 -9.17 10.55
CA GLU A 65 -0.71 -9.36 11.23
C GLU A 65 0.22 -10.26 10.43
N TYR A 66 -0.35 -11.27 9.79
CA TYR A 66 0.41 -12.19 8.94
C TYR A 66 1.02 -11.45 7.76
N ALA A 67 0.24 -10.54 7.18
CA ALA A 67 0.71 -9.74 6.06
C ALA A 67 1.83 -8.80 6.51
N ARG A 68 1.67 -8.21 7.68
N ARG A 68 1.68 -8.21 7.69
CA ARG A 68 2.70 -7.32 8.23
CA ARG A 68 2.69 -7.32 8.24
C ARG A 68 4.00 -8.07 8.46
C ARG A 68 4.00 -8.07 8.48
N LYS A 69 3.90 -9.29 8.99
CA LYS A 69 5.08 -10.11 9.25
C LYS A 69 5.73 -10.55 7.94
N TYR A 70 4.94 -10.81 6.91
CA TYR A 70 5.51 -11.13 5.60
C TYR A 70 6.30 -9.94 5.05
N ARG A 71 5.79 -8.72 5.22
CA ARG A 71 6.49 -7.55 4.69
C ARG A 71 7.86 -7.37 5.36
N GLN A 72 7.91 -7.67 6.65
CA GLN A 72 9.17 -7.60 7.39
C GLN A 72 10.15 -8.66 6.91
N THR A 73 9.61 -9.81 6.53
CA THR A 73 10.41 -10.90 6.00
C THR A 73 11.02 -10.52 4.66
N ILE A 74 10.24 -9.88 3.80
CA ILE A 74 10.74 -9.45 2.49
C ILE A 74 11.78 -8.34 2.62
N ALA A 75 11.55 -7.40 3.53
CA ALA A 75 12.51 -6.33 3.78
C ALA A 75 13.85 -6.91 4.22
N ALA A 76 13.80 -7.97 5.01
CA ALA A 76 15.01 -8.66 5.44
C ALA A 76 15.69 -9.32 4.24
N ALA A 77 14.87 -9.90 3.35
CA ALA A 77 15.40 -10.51 2.14
C ALA A 77 16.02 -9.47 1.22
N ALA A 78 15.42 -8.28 1.20
CA ALA A 78 15.95 -7.18 0.41
C ALA A 78 17.34 -6.80 0.90
N VAL A 79 17.51 -6.81 2.22
CA VAL A 79 18.80 -6.53 2.83
C VAL A 79 19.84 -7.58 2.45
N VAL A 80 19.45 -8.86 2.53
CA VAL A 80 20.34 -9.96 2.17
C VAL A 80 20.79 -9.84 0.71
N LEU A 81 19.85 -9.52 -0.17
CA LEU A 81 20.15 -9.39 -1.60
C LEU A 81 21.10 -8.21 -1.86
N GLU A 82 20.87 -7.10 -1.18
CA GLU A 82 21.71 -5.91 -1.35
C GLU A 82 23.13 -6.15 -0.83
N GLU A 83 23.24 -6.84 0.30
CA GLU A 83 24.55 -7.20 0.84
C GLU A 83 25.31 -8.09 -0.14
N PHE A 84 24.57 -9.00 -0.75
CA PHE A 84 25.13 -9.92 -1.73
C PHE A 84 25.62 -9.17 -2.98
N ALA A 85 24.83 -8.22 -3.45
CA ALA A 85 25.24 -7.41 -4.60
C ALA A 85 26.46 -6.57 -4.25
N HIS A 86 26.52 -6.11 -3.01
CA HIS A 86 27.66 -5.32 -2.53
C HIS A 86 28.92 -6.18 -2.49
N ALA A 87 28.75 -7.46 -2.14
CA ALA A 87 29.86 -8.40 -2.12
C ALA A 87 30.30 -8.72 -3.55
N LEU A 88 29.34 -8.72 -4.46
CA LEU A 88 29.64 -8.92 -5.87
C LEU A 88 30.40 -7.72 -6.43
N THR A 89 30.02 -6.53 -5.99
CA THR A 89 30.66 -5.30 -6.42
C THR A 89 32.04 -5.13 -5.79
N THR A 90 32.14 -5.41 -4.49
CA THR A 90 33.41 -5.33 -3.80
C THR A 90 34.36 -6.42 -4.31
N GLY A 91 33.81 -7.60 -4.57
CA GLY A 91 34.60 -8.70 -5.07
C GLY A 91 35.21 -8.40 -6.43
N ALA A 92 34.47 -7.66 -7.25
CA ALA A 92 34.96 -7.30 -8.58
C ALA A 92 36.09 -6.28 -8.51
N ASP A 93 35.95 -5.30 -7.61
CA ASP A 93 36.94 -4.23 -7.48
C ASP A 93 38.16 -4.67 -6.68
N LYS A 94 37.93 -5.47 -5.65
CA LYS A 94 39.01 -5.94 -4.77
C LYS A 94 39.91 -6.94 -5.48
N TYR A 95 39.32 -7.80 -6.29
CA TYR A 95 40.08 -8.84 -6.99
C TYR A 95 40.44 -8.41 -8.41
N ALA A 96 40.69 -7.11 -8.56
CA ALA A 96 41.15 -6.55 -9.83
C ALA A 96 42.34 -5.64 -9.57
N THR A 97 42.59 -5.38 -8.29
CA THR A 97 43.69 -4.52 -7.88
C THR A 97 44.85 -5.34 -7.30
N HIS B 2 -18.89 -20.94 24.66
CA HIS B 2 -18.50 -19.53 24.61
C HIS B 2 -19.62 -18.69 24.02
N PHE B 3 -19.87 -18.83 22.73
CA PHE B 3 -20.93 -18.08 22.06
C PHE B 3 -22.29 -18.64 22.45
N GLU B 4 -22.28 -19.80 23.10
CA GLU B 4 -23.50 -20.43 23.60
C GLU B 4 -24.03 -19.69 24.82
N ALA B 5 -23.25 -18.75 25.33
CA ALA B 5 -23.68 -17.92 26.45
C ALA B 5 -24.52 -16.76 25.95
N TYR B 6 -24.46 -16.49 24.65
CA TYR B 6 -25.27 -15.45 24.02
C TYR B 6 -26.61 -15.98 23.53
N PRO B 7 -27.66 -15.17 23.67
CA PRO B 7 -28.97 -15.48 23.10
C PRO B 7 -28.89 -15.42 21.59
N PRO B 8 -29.78 -16.12 20.88
CA PRO B 8 -29.75 -16.18 19.42
C PRO B 8 -29.94 -14.81 18.77
N GLU B 9 -30.61 -13.89 19.46
CA GLU B 9 -30.77 -12.53 18.97
C GLU B 9 -29.43 -11.88 18.69
N VAL B 10 -28.46 -12.14 19.55
CA VAL B 10 -27.13 -11.55 19.44
C VAL B 10 -26.29 -12.28 18.40
N ASN B 11 -26.27 -13.61 18.49
CA ASN B 11 -25.47 -14.41 17.56
C ASN B 11 -25.92 -14.25 16.11
N SER B 12 -27.24 -14.22 15.90
CA SER B 12 -27.78 -14.04 14.56
C SER B 12 -27.52 -12.62 14.05
N ALA B 13 -27.78 -11.62 14.89
CA ALA B 13 -27.54 -10.23 14.49
C ALA B 13 -26.08 -9.99 14.09
N ASN B 14 -25.14 -10.54 14.88
CA ASN B 14 -23.72 -10.31 14.63
C ASN B 14 -23.24 -10.88 13.30
N ILE B 15 -23.75 -12.04 12.92
CA ILE B 15 -23.28 -12.68 11.70
C ILE B 15 -23.86 -12.00 10.46
N TYR B 16 -24.95 -11.25 10.65
CA TYR B 16 -25.61 -10.58 9.53
C TYR B 16 -25.14 -9.14 9.32
N ALA B 17 -24.46 -8.58 10.32
CA ALA B 17 -24.16 -7.13 10.34
C ALA B 17 -23.01 -6.68 9.43
N GLY B 18 -22.03 -7.53 9.17
CA GLY B 18 -20.79 -7.08 8.53
C GLY B 18 -20.82 -6.63 7.07
N PRO B 19 -19.64 -6.25 6.53
CA PRO B 19 -19.53 -5.85 5.12
C PRO B 19 -19.46 -7.04 4.17
N GLY B 20 -19.31 -8.25 4.70
CA GLY B 20 -19.15 -9.43 3.87
C GLY B 20 -17.69 -9.74 3.61
N PRO B 21 -17.42 -10.79 2.81
CA PRO B 21 -16.08 -11.35 2.60
C PRO B 21 -15.27 -10.75 1.45
N ASP B 22 -15.74 -9.69 0.81
CA ASP B 22 -15.05 -9.10 -0.34
C ASP B 22 -13.62 -8.66 0.02
N SER B 23 -13.45 -8.15 1.23
CA SER B 23 -12.15 -7.72 1.74
C SER B 23 -11.18 -8.90 1.80
N MET B 24 -11.68 -10.03 2.27
CA MET B 24 -10.88 -11.23 2.38
C MET B 24 -10.54 -11.84 1.03
N LEU B 25 -11.50 -11.80 0.12
CA LEU B 25 -11.31 -12.34 -1.22
C LEU B 25 -10.31 -11.51 -2.01
N ALA B 26 -10.33 -10.19 -1.80
CA ALA B 26 -9.35 -9.29 -2.41
C ALA B 26 -7.95 -9.60 -1.90
N ALA B 27 -7.86 -9.86 -0.61
CA ALA B 27 -6.58 -10.26 0.00
C ALA B 27 -6.10 -11.57 -0.60
N ALA B 28 -7.03 -12.49 -0.81
CA ALA B 28 -6.70 -13.78 -1.40
C ALA B 28 -6.10 -13.61 -2.80
N ARG B 29 -6.72 -12.77 -3.64
CA ARG B 29 -6.20 -12.51 -4.98
C ARG B 29 -4.82 -11.88 -4.89
N ALA B 30 -4.61 -11.05 -3.86
CA ALA B 30 -3.34 -10.39 -3.64
C ALA B 30 -2.25 -11.39 -3.28
N TRP B 31 -2.54 -12.32 -2.36
CA TRP B 31 -1.56 -13.33 -1.98
C TRP B 31 -1.19 -14.23 -3.16
N ARG B 32 -2.15 -14.52 -4.04
CA ARG B 32 -1.86 -15.33 -5.21
C ARG B 32 -0.86 -14.67 -6.14
N SER B 33 -1.06 -13.37 -6.41
CA SER B 33 -0.19 -12.62 -7.30
C SER B 33 1.20 -12.51 -6.70
N LEU B 34 1.24 -12.33 -5.38
CA LEU B 34 2.48 -12.32 -4.62
C LEU B 34 3.21 -13.64 -4.83
N ASP B 35 2.47 -14.74 -4.76
CA ASP B 35 3.03 -16.08 -4.99
C ASP B 35 3.62 -16.19 -6.40
N VAL B 36 2.90 -15.67 -7.39
CA VAL B 36 3.37 -15.70 -8.77
C VAL B 36 4.64 -14.89 -8.96
N GLU B 37 4.63 -13.66 -8.45
CA GLU B 37 5.78 -12.77 -8.59
C GLU B 37 7.02 -13.35 -7.92
N MET B 38 6.88 -13.85 -6.71
CA MET B 38 8.03 -14.39 -5.99
C MET B 38 8.55 -15.69 -6.60
N THR B 39 7.68 -16.42 -7.29
CA THR B 39 8.12 -17.60 -8.02
C THR B 39 9.02 -17.17 -9.19
N ALA B 40 8.64 -16.11 -9.87
CA ALA B 40 9.45 -15.56 -10.96
C ALA B 40 10.75 -14.97 -10.43
N VAL B 41 10.69 -14.35 -9.26
CA VAL B 41 11.87 -13.85 -8.58
C VAL B 41 12.83 -15.00 -8.28
N GLN B 42 12.27 -16.12 -7.84
CA GLN B 42 13.06 -17.32 -7.55
C GLN B 42 13.77 -17.81 -8.80
N ARG B 43 13.04 -17.91 -9.91
CA ARG B 43 13.62 -18.34 -11.18
C ARG B 43 14.75 -17.42 -11.62
N SER B 44 14.53 -16.12 -11.50
CA SER B 44 15.52 -15.13 -11.92
C SER B 44 16.78 -15.21 -11.07
N PHE B 45 16.63 -15.56 -9.79
CA PHE B 45 17.78 -15.66 -8.92
C PHE B 45 18.64 -16.87 -9.27
N ASN B 46 18.00 -17.97 -9.67
CA ASN B 46 18.73 -19.15 -10.09
C ASN B 46 19.38 -19.01 -11.46
N ARG B 47 18.74 -18.24 -12.34
CA ARG B 47 19.29 -18.01 -13.68
C ARG B 47 20.50 -17.10 -13.58
N THR B 48 20.49 -16.18 -12.62
CA THR B 48 21.61 -15.28 -12.40
C THR B 48 22.84 -16.04 -11.91
N LEU B 49 22.63 -16.92 -10.93
CA LEU B 49 23.72 -17.72 -10.38
C LEU B 49 24.35 -18.61 -11.46
N LEU B 50 23.51 -19.22 -12.28
CA LEU B 50 23.99 -20.06 -13.37
C LEU B 50 24.70 -19.22 -14.44
N SER B 51 24.13 -18.05 -14.74
CA SER B 51 24.70 -17.16 -15.75
C SER B 51 26.03 -16.59 -15.30
N LEU B 52 26.24 -16.53 -13.99
CA LEU B 52 27.49 -16.04 -13.43
C LEU B 52 28.53 -17.15 -13.42
N MET B 53 28.06 -18.38 -13.31
CA MET B 53 28.96 -19.53 -13.20
C MET B 53 29.61 -19.88 -14.54
N ASP B 54 28.80 -19.97 -15.59
N ASP B 54 28.81 -19.98 -15.59
CA ASP B 54 29.31 -20.36 -16.90
CA ASP B 54 29.30 -20.41 -16.89
C ASP B 54 30.03 -19.20 -17.60
C ASP B 54 30.03 -19.29 -17.63
N ALA B 55 29.81 -17.98 -17.11
N ALA B 55 29.86 -18.06 -17.17
CA ALA B 55 30.46 -16.80 -17.66
CA ALA B 55 30.52 -16.92 -17.80
C ALA B 55 31.95 -16.80 -17.34
C ALA B 55 31.95 -16.74 -17.29
N TRP B 56 32.27 -17.07 -16.08
N TRP B 56 32.11 -16.85 -15.98
CA TRP B 56 33.65 -17.13 -15.64
CA TRP B 56 33.43 -16.67 -15.37
C TRP B 56 33.76 -17.95 -14.36
C TRP B 56 33.63 -17.62 -14.19
N ALA B 57 34.02 -19.24 -14.52
N ALA B 57 33.92 -18.89 -14.49
CA ALA B 57 34.16 -20.16 -13.40
CA ALA B 57 34.12 -19.89 -13.46
C ALA B 57 35.50 -19.99 -12.69
C ALA B 57 35.49 -19.73 -12.79
N GLY B 58 35.48 -19.34 -11.52
CA GLY B 58 36.69 -19.17 -10.77
C GLY B 58 36.49 -19.52 -9.30
N PRO B 59 37.57 -19.51 -8.51
N PRO B 59 37.58 -19.52 -8.51
CA PRO B 59 37.51 -19.81 -7.08
CA PRO B 59 37.50 -19.82 -7.08
C PRO B 59 36.62 -18.83 -6.33
C PRO B 59 36.60 -18.83 -6.33
N VAL B 60 36.68 -17.55 -6.71
CA VAL B 60 35.87 -16.52 -6.09
C VAL B 60 34.38 -16.72 -6.33
N VAL B 61 34.03 -17.08 -7.56
CA VAL B 61 32.64 -17.30 -7.92
C VAL B 61 32.05 -18.54 -7.24
N MET B 62 32.80 -19.64 -7.22
CA MET B 62 32.32 -20.86 -6.59
C MET B 62 32.07 -20.66 -5.11
N GLN B 63 32.90 -19.84 -4.47
CA GLN B 63 32.70 -19.49 -3.07
C GLN B 63 31.36 -18.80 -2.87
N LEU B 64 31.06 -17.82 -3.72
CA LEU B 64 29.80 -17.09 -3.66
C LEU B 64 28.60 -17.99 -3.96
N MET B 65 28.78 -18.91 -4.91
CA MET B 65 27.75 -19.87 -5.25
C MET B 65 27.41 -20.76 -4.06
N GLU B 66 28.44 -21.17 -3.32
CA GLU B 66 28.23 -21.98 -2.13
C GLU B 66 27.57 -21.17 -1.02
N ALA B 67 27.92 -19.90 -0.91
CA ALA B 67 27.37 -19.05 0.14
C ALA B 67 25.88 -18.76 -0.05
N ALA B 68 25.39 -18.91 -1.28
CA ALA B 68 24.01 -18.56 -1.61
C ALA B 68 23.06 -19.75 -1.49
N LYS B 69 23.62 -20.95 -1.35
CA LYS B 69 22.83 -22.17 -1.28
C LYS B 69 21.76 -22.17 -0.17
N PRO B 70 22.08 -21.63 1.02
CA PRO B 70 20.97 -21.58 2.00
C PRO B 70 19.87 -20.62 1.57
N PHE B 71 20.21 -19.55 0.86
CA PHE B 71 19.21 -18.55 0.49
C PHE B 71 18.26 -19.06 -0.60
N VAL B 72 18.77 -19.80 -1.58
CA VAL B 72 17.89 -20.35 -2.61
C VAL B 72 16.95 -21.37 -1.99
N ARG B 73 17.44 -22.04 -0.96
CA ARG B 73 16.66 -23.02 -0.20
C ARG B 73 15.54 -22.31 0.52
N TRP B 74 15.88 -21.21 1.18
CA TRP B 74 14.89 -20.39 1.88
C TRP B 74 13.85 -19.83 0.91
N LEU B 75 14.30 -19.44 -0.28
CA LEU B 75 13.41 -18.89 -1.29
C LEU B 75 12.35 -19.91 -1.71
N THR B 76 12.76 -21.16 -1.84
CA THR B 76 11.84 -22.24 -2.18
C THR B 76 10.78 -22.41 -1.09
N ASP B 77 11.23 -22.41 0.16
CA ASP B 77 10.33 -22.52 1.29
C ASP B 77 9.35 -21.35 1.31
N LEU B 78 9.85 -20.15 1.02
CA LEU B 78 9.01 -18.96 0.97
C LEU B 78 7.91 -19.11 -0.07
N CYS B 79 8.29 -19.51 -1.28
CA CYS B 79 7.33 -19.66 -2.37
C CYS B 79 6.27 -20.71 -2.07
N VAL B 80 6.68 -21.81 -1.45
CA VAL B 80 5.74 -22.84 -1.03
C VAL B 80 4.74 -22.26 -0.04
N GLN B 81 5.25 -21.52 0.93
CA GLN B 81 4.41 -20.91 1.96
C GLN B 81 3.44 -19.88 1.38
N LEU B 82 3.87 -19.16 0.34
CA LEU B 82 3.02 -18.16 -0.28
C LEU B 82 1.81 -18.77 -0.99
N SER B 83 2.01 -19.90 -1.65
CA SER B 83 0.95 -20.57 -2.40
C SER B 83 -0.09 -21.18 -1.47
N GLU B 84 0.24 -21.25 -0.18
CA GLU B 84 -0.64 -21.80 0.84
C GLU B 84 -1.70 -20.81 1.33
N VAL B 85 -1.36 -19.52 1.30
CA VAL B 85 -2.20 -18.49 1.91
C VAL B 85 -3.59 -18.31 1.29
N GLU B 86 -3.68 -18.27 -0.03
CA GLU B 86 -4.97 -18.08 -0.71
C GLU B 86 -5.96 -19.19 -0.34
N ARG B 87 -5.44 -20.40 -0.30
CA ARG B 87 -6.25 -21.58 0.00
C ARG B 87 -6.87 -21.49 1.40
N GLN B 88 -6.09 -20.98 2.36
CA GLN B 88 -6.57 -20.91 3.74
C GLN B 88 -7.53 -19.74 3.93
N ILE B 89 -7.31 -18.66 3.19
CA ILE B 89 -8.26 -17.55 3.22
C ILE B 89 -9.59 -18.00 2.64
N HIS B 90 -9.55 -18.78 1.55
CA HIS B 90 -10.77 -19.32 0.97
C HIS B 90 -11.50 -20.22 1.95
N GLU B 91 -10.75 -20.93 2.78
CA GLU B 91 -11.36 -21.80 3.77
C GLU B 91 -12.06 -20.99 4.85
N ILE B 92 -11.46 -19.86 5.21
CA ILE B 92 -12.04 -18.95 6.20
C ILE B 92 -13.29 -18.28 5.66
N VAL B 93 -13.23 -17.82 4.41
CA VAL B 93 -14.40 -17.24 3.76
C VAL B 93 -15.55 -18.25 3.68
N ARG B 94 -15.21 -19.49 3.34
CA ARG B 94 -16.21 -20.54 3.22
C ARG B 94 -16.88 -20.80 4.57
N ALA B 95 -16.06 -20.84 5.62
CA ALA B 95 -16.53 -21.01 6.99
C ALA B 95 -17.52 -19.91 7.36
N TYR B 96 -17.16 -18.67 7.03
CA TYR B 96 -18.03 -17.53 7.29
C TYR B 96 -19.34 -17.67 6.52
N GLU B 97 -19.24 -18.09 5.27
CA GLU B 97 -20.42 -18.19 4.43
C GLU B 97 -21.37 -19.23 4.98
N TRP B 98 -20.82 -20.31 5.51
CA TRP B 98 -21.63 -21.36 6.11
C TRP B 98 -22.29 -20.90 7.41
N ALA B 99 -21.54 -20.16 8.23
CA ALA B 99 -22.09 -19.60 9.47
C ALA B 99 -23.24 -18.66 9.17
N HIS B 100 -23.03 -17.81 8.18
CA HIS B 100 -24.03 -16.84 7.72
C HIS B 100 -25.30 -17.53 7.24
N HIS B 101 -25.12 -18.61 6.50
CA HIS B 101 -26.23 -19.35 5.93
C HIS B 101 -26.98 -20.19 6.98
N ASP B 102 -26.26 -20.68 7.98
CA ASP B 102 -26.85 -21.64 8.92
C ASP B 102 -27.45 -21.00 10.16
N MET B 103 -27.10 -19.74 10.41
CA MET B 103 -27.60 -19.05 11.59
C MET B 103 -29.12 -18.84 11.51
N VAL B 104 -29.79 -18.88 12.65
CA VAL B 104 -31.25 -18.70 12.65
C VAL B 104 -31.61 -17.26 12.29
N PRO B 105 -32.38 -17.06 11.22
CA PRO B 105 -32.79 -15.73 10.76
C PRO B 105 -33.51 -14.95 11.86
N LEU B 106 -33.25 -13.64 11.93
CA LEU B 106 -33.82 -12.80 12.98
C LEU B 106 -35.34 -12.78 12.97
N ALA B 107 -35.92 -12.90 11.78
CA ALA B 107 -37.36 -12.94 11.62
C ALA B 107 -38.00 -14.09 12.39
N GLN B 108 -37.37 -15.26 12.32
CA GLN B 108 -37.89 -16.45 13.00
C GLN B 108 -37.81 -16.31 14.51
N ILE B 109 -36.74 -15.70 14.99
CA ILE B 109 -36.57 -15.50 16.43
C ILE B 109 -37.61 -14.52 16.96
N TYR B 110 -37.74 -13.39 16.25
CA TYR B 110 -38.71 -12.36 16.63
C TYR B 110 -40.14 -12.89 16.61
N ASN B 111 -40.48 -13.66 15.58
CA ASN B 111 -41.83 -14.21 15.43
C ASN B 111 -42.16 -15.18 16.56
N ASN B 112 -41.16 -15.95 16.97
CA ASN B 112 -41.30 -16.85 18.10
C ASN B 112 -41.63 -16.06 19.37
N ARG B 113 -40.81 -15.07 19.68
CA ARG B 113 -41.01 -14.28 20.89
C ARG B 113 -42.34 -13.52 20.85
N ALA B 114 -42.72 -13.05 19.66
CA ALA B 114 -43.98 -12.34 19.48
C ALA B 114 -45.18 -13.27 19.70
N GLU B 115 -45.14 -14.44 19.08
CA GLU B 115 -46.20 -15.42 19.19
C GLU B 115 -46.37 -15.91 20.63
N ARG B 116 -45.24 -16.10 21.30
CA ARG B 116 -45.25 -16.55 22.69
C ARG B 116 -45.92 -15.52 23.59
N GLN B 117 -45.62 -14.24 23.38
CA GLN B 117 -46.21 -13.18 24.20
C GLN B 117 -47.72 -13.10 23.99
N ILE B 118 -48.16 -13.31 22.77
CA ILE B 118 -49.59 -13.27 22.44
C ILE B 118 -50.35 -14.38 23.15
N LEU B 119 -49.79 -15.58 23.12
CA LEU B 119 -50.40 -16.70 23.82
C LEU B 119 -50.45 -16.42 25.33
N ILE B 120 -49.36 -15.91 25.87
CA ILE B 120 -49.30 -15.57 27.29
C ILE B 120 -50.35 -14.53 27.65
N ASP B 121 -50.52 -13.53 26.79
CA ASP B 121 -51.50 -12.47 27.01
C ASP B 121 -52.93 -13.00 27.10
N ASN B 122 -53.18 -14.18 26.53
CA ASN B 122 -54.53 -14.76 26.53
C ASN B 122 -54.62 -16.09 27.25
N ASN B 123 -53.72 -16.34 28.20
CA ASN B 123 -53.67 -17.64 28.83
C ASN B 123 -54.17 -17.66 30.28
N ALA B 124 -55.06 -16.74 30.63
CA ALA B 124 -55.65 -16.71 31.96
C ALA B 124 -56.32 -18.04 32.31
N LEU B 125 -56.88 -18.70 31.31
CA LEU B 125 -57.60 -19.95 31.50
C LEU B 125 -56.72 -21.18 31.32
N GLY B 126 -55.50 -20.96 30.82
CA GLY B 126 -54.50 -22.02 30.73
C GLY B 126 -54.62 -22.94 29.52
N GLN B 127 -55.39 -22.54 28.52
CA GLN B 127 -55.56 -23.40 27.34
C GLN B 127 -54.37 -23.36 26.38
N PHE B 128 -53.47 -22.41 26.57
CA PHE B 128 -52.34 -22.26 25.63
C PHE B 128 -51.01 -22.68 26.24
N THR B 129 -51.06 -23.29 27.43
CA THR B 129 -49.84 -23.65 28.16
C THR B 129 -48.95 -24.62 27.38
N ALA B 130 -49.55 -25.62 26.74
CA ALA B 130 -48.79 -26.58 25.95
C ALA B 130 -48.10 -25.90 24.77
N GLN B 131 -48.81 -25.01 24.09
CA GLN B 131 -48.25 -24.32 22.94
C GLN B 131 -47.14 -23.34 23.33
N ILE B 132 -47.30 -22.68 24.48
CA ILE B 132 -46.27 -21.79 25.00
C ILE B 132 -45.02 -22.60 25.31
N ALA B 133 -45.22 -23.79 25.85
CA ALA B 133 -44.12 -24.73 26.09
C ALA B 133 -43.43 -25.10 24.78
N ASP B 134 -44.23 -25.28 23.73
CA ASP B 134 -43.68 -25.59 22.41
C ASP B 134 -42.78 -24.45 21.93
N LEU B 135 -43.24 -23.21 22.11
CA LEU B 135 -42.48 -22.05 21.65
C LEU B 135 -41.21 -21.82 22.47
N ASP B 136 -41.26 -22.07 23.77
CA ASP B 136 -40.06 -21.96 24.60
C ASP B 136 -39.03 -23.00 24.16
N GLN B 137 -39.50 -24.19 23.81
CA GLN B 137 -38.63 -25.24 23.31
C GLN B 137 -37.98 -24.84 22.00
N GLU B 138 -38.76 -24.25 21.11
CA GLU B 138 -38.24 -23.80 19.82
C GLU B 138 -37.18 -22.72 20.03
N TYR B 139 -37.45 -21.78 20.94
CA TYR B 139 -36.49 -20.72 21.23
C TYR B 139 -35.21 -21.29 21.81
N ASP B 140 -35.34 -22.27 22.70
CA ASP B 140 -34.17 -22.96 23.26
C ASP B 140 -33.38 -23.64 22.14
N ASP B 141 -34.08 -24.23 21.18
CA ASP B 141 -33.43 -24.85 20.03
C ASP B 141 -32.68 -23.80 19.18
N PHE B 142 -33.31 -22.64 18.98
CA PHE B 142 -32.67 -21.51 18.29
C PHE B 142 -31.37 -21.12 18.97
N TRP B 143 -31.44 -21.00 20.29
CA TRP B 143 -30.30 -20.68 21.12
C TRP B 143 -29.17 -21.67 20.91
N ASP B 144 -29.46 -22.95 21.06
CA ASP B 144 -28.44 -23.98 20.92
C ASP B 144 -27.89 -24.08 19.49
N GLU B 145 -28.75 -23.88 18.50
CA GLU B 145 -28.34 -23.96 17.11
C GLU B 145 -27.36 -22.84 16.75
N ASP B 146 -27.67 -21.61 17.15
CA ASP B 146 -26.75 -20.49 16.93
C ASP B 146 -25.40 -20.77 17.62
N GLY B 147 -25.48 -21.35 18.82
CA GLY B 147 -24.31 -21.74 19.57
C GLY B 147 -23.45 -22.74 18.81
N GLU B 148 -24.09 -23.78 18.29
CA GLU B 148 -23.38 -24.79 17.51
C GLU B 148 -22.76 -24.24 16.24
N VAL B 149 -23.50 -23.38 15.54
CA VAL B 149 -23.00 -22.79 14.30
C VAL B 149 -21.77 -21.93 14.59
N MET B 150 -21.82 -21.16 15.67
CA MET B 150 -20.71 -20.31 16.06
C MET B 150 -19.53 -21.16 16.55
N ARG B 151 -19.82 -22.30 17.16
CA ARG B 151 -18.77 -23.20 17.61
C ARG B 151 -18.03 -23.79 16.42
N ASP B 152 -18.77 -24.25 15.41
CA ASP B 152 -18.16 -24.84 14.21
C ASP B 152 -17.36 -23.79 13.43
N TYR B 153 -17.89 -22.57 13.41
CA TYR B 153 -17.21 -21.44 12.75
C TYR B 153 -15.84 -21.22 13.39
N ARG B 154 -15.81 -21.11 14.71
CA ARG B 154 -14.58 -20.92 15.44
C ARG B 154 -13.58 -22.03 15.17
N LEU B 155 -14.07 -23.28 15.19
CA LEU B 155 -13.23 -24.44 14.96
C LEU B 155 -12.64 -24.45 13.55
N ARG B 156 -13.44 -24.11 12.56
CA ARG B 156 -12.99 -24.12 11.18
C ARG B 156 -11.97 -23.00 10.93
N VAL B 157 -12.19 -21.85 11.54
CA VAL B 157 -11.28 -20.72 11.39
C VAL B 157 -9.96 -20.99 12.10
N SER B 158 -10.03 -21.53 13.31
CA SER B 158 -8.83 -21.90 14.05
C SER B 158 -8.01 -22.94 13.30
N ASP B 159 -8.68 -23.92 12.69
CA ASP B 159 -7.99 -24.91 11.88
C ASP B 159 -7.26 -24.27 10.71
N ALA B 160 -7.93 -23.35 10.03
CA ALA B 160 -7.37 -22.69 8.85
C ALA B 160 -6.16 -21.83 9.21
N LEU B 161 -6.26 -21.10 10.32
CA LEU B 161 -5.18 -20.23 10.76
C LEU B 161 -3.95 -21.03 11.21
N SER B 162 -4.18 -22.25 11.69
CA SER B 162 -3.09 -23.09 12.18
C SER B 162 -2.24 -23.64 11.04
N LYS B 163 -2.74 -23.53 9.82
CA LYS B 163 -1.98 -23.97 8.65
C LYS B 163 -1.10 -22.85 8.12
N LEU B 164 -1.29 -21.65 8.65
CA LEU B 164 -0.49 -20.49 8.23
C LEU B 164 0.76 -20.37 9.10
N THR B 165 1.82 -21.06 8.67
CA THR B 165 3.10 -21.10 9.35
C THR B 165 3.71 -19.70 9.49
N PRO B 166 4.30 -19.41 10.66
CA PRO B 166 5.00 -18.14 10.86
C PRO B 166 6.18 -17.99 9.88
N TRP B 167 6.34 -16.79 9.34
CA TRP B 167 7.41 -16.51 8.38
C TRP B 167 8.78 -16.59 9.02
N LYS B 168 9.73 -17.23 8.34
CA LYS B 168 11.09 -17.33 8.86
C LYS B 168 12.00 -16.32 8.18
N ALA B 169 12.90 -15.71 8.96
CA ALA B 169 13.85 -14.74 8.44
C ALA B 169 14.87 -15.40 7.52
N PRO B 170 15.22 -14.72 6.43
CA PRO B 170 16.16 -15.29 5.46
C PRO B 170 17.57 -15.39 6.01
N PRO B 171 18.32 -16.40 5.58
CA PRO B 171 19.73 -16.53 5.97
C PRO B 171 20.58 -15.54 5.19
N PRO B 172 21.72 -15.13 5.76
CA PRO B 172 22.61 -14.24 5.02
C PRO B 172 23.29 -14.98 3.88
N ILE B 173 23.70 -14.26 2.83
CA ILE B 173 24.52 -14.84 1.78
C ILE B 173 25.97 -14.50 2.05
N ALA B 174 26.21 -13.25 2.44
CA ALA B 174 27.53 -12.83 2.89
C ALA B 174 27.88 -13.51 4.21
N ASN C 15 -40.49 7.26 -0.51
CA ASN C 15 -40.55 5.87 -0.96
C ASN C 15 -39.52 5.00 -0.24
N PRO C 16 -40.02 3.97 0.48
CA PRO C 16 -39.18 3.01 1.20
C PRO C 16 -38.16 2.31 0.30
N GLU C 17 -38.62 1.83 -0.85
CA GLU C 17 -37.75 1.13 -1.80
C GLU C 17 -36.68 2.04 -2.39
N ALA C 18 -37.04 3.30 -2.67
CA ALA C 18 -36.11 4.25 -3.28
C ALA C 18 -34.93 4.55 -2.36
N LEU C 19 -35.18 4.52 -1.06
CA LEU C 19 -34.13 4.77 -0.08
C LEU C 19 -33.14 3.61 -0.03
N THR C 20 -33.66 2.39 -0.17
CA THR C 20 -32.84 1.19 -0.14
C THR C 20 -31.90 1.09 -1.35
N VAL C 21 -32.41 1.48 -2.51
CA VAL C 21 -31.60 1.49 -3.73
C VAL C 21 -30.48 2.51 -3.59
N ALA C 22 -30.81 3.69 -3.07
CA ALA C 22 -29.84 4.74 -2.84
C ALA C 22 -28.75 4.30 -1.86
N ALA C 23 -29.17 3.61 -0.79
CA ALA C 23 -28.24 3.16 0.23
C ALA C 23 -27.19 2.21 -0.34
N THR C 24 -27.61 1.34 -1.25
CA THR C 24 -26.70 0.40 -1.90
C THR C 24 -25.77 1.16 -2.83
N GLU C 25 -26.33 2.15 -3.51
CA GLU C 25 -25.57 2.98 -4.45
C GLU C 25 -24.50 3.81 -3.76
N VAL C 26 -24.83 4.32 -2.57
CA VAL C 26 -23.88 5.08 -1.78
C VAL C 26 -22.71 4.21 -1.32
N ARG C 27 -23.04 3.02 -0.81
CA ARG C 27 -22.01 2.09 -0.36
C ARG C 27 -21.13 1.64 -1.53
N ARG C 28 -21.76 1.55 -2.70
CA ARG C 28 -21.07 1.21 -3.95
C ARG C 28 -20.04 2.29 -4.28
N ILE C 29 -20.44 3.54 -4.10
CA ILE C 29 -19.55 4.68 -4.31
C ILE C 29 -18.39 4.64 -3.31
N ARG C 30 -18.72 4.30 -2.06
CA ARG C 30 -17.71 4.17 -1.01
C ARG C 30 -16.64 3.15 -1.40
N ASP C 31 -17.09 1.97 -1.82
CA ASP C 31 -16.17 0.89 -2.20
C ASP C 31 -15.25 1.31 -3.34
N ARG C 32 -15.81 1.99 -4.34
CA ARG C 32 -15.03 2.44 -5.49
C ARG C 32 -13.95 3.44 -5.08
N ALA C 33 -14.27 4.31 -4.15
CA ALA C 33 -13.32 5.30 -3.66
C ALA C 33 -12.20 4.60 -2.88
N ILE C 34 -12.57 3.60 -2.10
CA ILE C 34 -11.61 2.85 -1.31
C ILE C 34 -10.71 1.97 -2.18
N GLN C 35 -11.29 1.38 -3.23
CA GLN C 35 -10.50 0.51 -4.12
C GLN C 35 -9.45 1.30 -4.89
N SER C 36 -9.87 2.42 -5.48
CA SER C 36 -8.97 3.24 -6.28
C SER C 36 -7.86 3.80 -5.42
N ASP C 37 -8.22 4.19 -4.19
CA ASP C 37 -7.24 4.66 -3.23
C ASP C 37 -6.21 3.57 -2.93
N ALA C 38 -6.69 2.35 -2.68
CA ALA C 38 -5.81 1.23 -2.39
C ALA C 38 -4.96 0.85 -3.61
N GLN C 39 -5.52 1.01 -4.80
CA GLN C 39 -4.85 0.57 -6.01
C GLN C 39 -3.60 1.41 -6.34
N VAL C 40 -3.65 2.71 -6.06
CA VAL C 40 -2.55 3.59 -6.44
C VAL C 40 -1.69 4.06 -5.26
N ALA C 41 -2.15 3.76 -4.05
CA ALA C 41 -1.37 4.04 -2.84
C ALA C 41 0.08 3.55 -2.91
N PRO C 42 0.33 2.35 -3.49
CA PRO C 42 1.73 1.93 -3.58
C PRO C 42 2.64 2.85 -4.41
N MET C 43 2.06 3.64 -5.31
N MET C 43 2.06 3.63 -5.31
CA MET C 43 2.87 4.54 -6.11
CA MET C 43 2.85 4.53 -6.16
C MET C 43 3.00 5.88 -5.40
C MET C 43 2.93 5.94 -5.58
N THR C 44 1.91 6.36 -4.83
CA THR C 44 1.91 7.70 -4.23
C THR C 44 2.68 7.76 -2.91
N THR C 45 2.73 6.66 -2.18
CA THR C 45 3.37 6.65 -0.87
C THR C 45 4.82 6.19 -0.90
N ALA C 46 5.34 5.90 -2.09
CA ALA C 46 6.67 5.34 -2.23
C ALA C 46 7.59 6.22 -3.06
N VAL C 47 7.23 7.48 -3.19
CA VAL C 47 8.04 8.44 -3.95
C VAL C 47 9.45 8.51 -3.41
N ARG C 48 10.43 8.35 -4.29
CA ARG C 48 11.84 8.43 -3.91
C ARG C 48 12.42 9.75 -4.41
N PRO C 49 13.35 10.33 -3.64
CA PRO C 49 14.09 11.49 -4.14
C PRO C 49 14.81 11.11 -5.41
N PRO C 50 14.69 11.92 -6.48
CA PRO C 50 15.36 11.60 -7.73
C PRO C 50 16.88 11.76 -7.64
N ALA C 51 17.34 12.53 -6.66
CA ALA C 51 18.77 12.71 -6.43
C ALA C 51 19.06 12.74 -4.94
N ALA C 52 20.33 12.90 -4.58
CA ALA C 52 20.75 12.81 -3.18
C ALA C 52 20.76 14.17 -2.49
N ASP C 53 20.43 15.23 -3.22
CA ASP C 53 20.49 16.57 -2.67
C ASP C 53 19.32 16.83 -1.73
N LEU C 54 19.45 17.91 -0.94
CA LEU C 54 18.46 18.23 0.08
C LEU C 54 17.12 18.67 -0.50
N VAL C 55 17.14 19.28 -1.68
CA VAL C 55 15.90 19.73 -2.31
C VAL C 55 15.06 18.54 -2.77
N SER C 56 15.71 17.57 -3.41
CA SER C 56 15.04 16.36 -3.88
C SER C 56 14.45 15.56 -2.73
N GLU C 57 15.19 15.46 -1.64
CA GLU C 57 14.75 14.71 -0.48
C GLU C 57 13.51 15.34 0.16
N LYS C 58 13.52 16.67 0.29
CA LYS C 58 12.40 17.38 0.89
C LYS C 58 11.13 17.27 0.04
N ALA C 59 11.30 17.31 -1.28
CA ALA C 59 10.15 17.16 -2.18
C ALA C 59 9.52 15.78 -2.03
N ALA C 60 10.35 14.75 -2.04
CA ALA C 60 9.87 13.37 -1.90
C ALA C 60 9.17 13.18 -0.56
N THR C 61 9.80 13.64 0.52
CA THR C 61 9.24 13.52 1.86
C THR C 61 7.86 14.19 1.95
N PHE C 62 7.76 15.39 1.37
CA PHE C 62 6.50 16.11 1.35
C PHE C 62 5.41 15.29 0.67
N LEU C 63 5.74 14.81 -0.53
CA LEU C 63 4.78 14.08 -1.35
C LEU C 63 4.33 12.80 -0.68
N VAL C 64 5.21 12.16 0.08
CA VAL C 64 4.85 10.95 0.83
C VAL C 64 3.86 11.28 1.95
N GLU C 65 4.19 12.30 2.74
CA GLU C 65 3.31 12.74 3.82
C GLU C 65 1.97 13.22 3.27
N TYR C 66 2.03 13.87 2.12
CA TYR C 66 0.84 14.36 1.45
C TYR C 66 -0.05 13.20 1.03
N ALA C 67 0.57 12.14 0.52
CA ALA C 67 -0.17 10.94 0.13
C ALA C 67 -0.81 10.26 1.33
N ARG C 68 -0.06 10.16 2.43
CA ARG C 68 -0.56 9.53 3.64
C ARG C 68 -1.76 10.28 4.20
N LYS C 69 -1.68 11.61 4.20
CA LYS C 69 -2.75 12.45 4.70
C LYS C 69 -3.98 12.33 3.81
N TYR C 70 -3.77 12.18 2.51
CA TYR C 70 -4.90 11.94 1.61
C TYR C 70 -5.61 10.62 1.93
N ARG C 71 -4.85 9.57 2.22
CA ARG C 71 -5.46 8.27 2.52
C ARG C 71 -6.35 8.33 3.76
N GLN C 72 -5.93 9.08 4.76
CA GLN C 72 -6.70 9.26 5.98
C GLN C 72 -7.96 10.09 5.71
N THR C 73 -7.84 11.02 4.78
CA THR C 73 -8.97 11.87 4.38
C THR C 73 -10.06 11.05 3.69
N ILE C 74 -9.65 10.15 2.80
CA ILE C 74 -10.58 9.30 2.08
C ILE C 74 -11.26 8.30 3.01
N ALA C 75 -10.49 7.76 3.97
CA ALA C 75 -11.08 6.86 4.96
C ALA C 75 -12.16 7.57 5.75
N ALA C 76 -11.93 8.85 6.05
CA ALA C 76 -12.92 9.66 6.75
C ALA C 76 -14.15 9.89 5.87
N ALA C 77 -13.94 10.12 4.58
CA ALA C 77 -15.05 10.31 3.65
C ALA C 77 -15.84 9.02 3.52
N ALA C 78 -15.13 7.90 3.55
CA ALA C 78 -15.77 6.59 3.49
C ALA C 78 -16.70 6.37 4.67
N VAL C 79 -16.27 6.80 5.85
CA VAL C 79 -17.11 6.72 7.04
C VAL C 79 -18.34 7.60 6.88
N VAL C 80 -18.14 8.81 6.38
CA VAL C 80 -19.25 9.73 6.15
C VAL C 80 -20.28 9.12 5.20
N LEU C 81 -19.80 8.50 4.12
CA LEU C 81 -20.67 7.87 3.14
C LEU C 81 -21.47 6.70 3.75
N GLU C 82 -20.80 5.88 4.55
CA GLU C 82 -21.49 4.74 5.17
C GLU C 82 -22.52 5.17 6.21
N GLU C 83 -22.22 6.22 6.97
CA GLU C 83 -23.18 6.77 7.92
C GLU C 83 -24.42 7.24 7.19
N PHE C 84 -24.20 7.86 6.04
CA PHE C 84 -25.28 8.35 5.19
C PHE C 84 -26.12 7.19 4.66
N ALA C 85 -25.45 6.14 4.20
CA ALA C 85 -26.14 4.96 3.70
C ALA C 85 -26.95 4.29 4.81
N HIS C 86 -26.40 4.29 6.02
CA HIS C 86 -27.09 3.70 7.16
C HIS C 86 -28.34 4.50 7.53
N ALA C 87 -28.27 5.82 7.38
CA ALA C 87 -29.42 6.67 7.67
C ALA C 87 -30.53 6.49 6.64
N LEU C 88 -30.14 6.21 5.40
CA LEU C 88 -31.11 5.91 4.36
C LEU C 88 -31.83 4.60 4.64
N THR C 89 -31.09 3.63 5.20
CA THR C 89 -31.67 2.34 5.56
C THR C 89 -32.55 2.51 6.79
N THR C 90 -32.08 3.31 7.74
CA THR C 90 -32.84 3.62 8.95
C THR C 90 -34.07 4.46 8.61
N GLY C 91 -33.91 5.37 7.67
CA GLY C 91 -35.00 6.21 7.21
C GLY C 91 -36.12 5.43 6.55
N HIS D 2 22.60 29.48 0.58
CA HIS D 2 22.58 28.20 1.28
C HIS D 2 23.52 27.19 0.62
N PHE D 3 23.15 26.75 -0.57
CA PHE D 3 23.95 25.78 -1.31
C PHE D 3 25.23 26.37 -1.90
N GLU D 4 25.37 27.70 -1.87
CA GLU D 4 26.60 28.35 -2.36
C GLU D 4 27.76 28.14 -1.39
N ALA D 5 27.44 27.60 -0.22
CA ALA D 5 28.46 27.29 0.78
C ALA D 5 29.12 25.95 0.48
N TYR D 6 28.46 25.17 -0.39
CA TYR D 6 29.00 23.87 -0.78
C TYR D 6 29.89 24.00 -2.01
N PRO D 7 31.02 23.27 -2.01
CA PRO D 7 31.87 23.20 -3.20
C PRO D 7 31.17 22.44 -4.33
N PRO D 8 31.56 22.69 -5.59
CA PRO D 8 30.89 22.06 -6.73
C PRO D 8 30.97 20.53 -6.71
N GLU D 9 32.02 19.97 -6.10
CA GLU D 9 32.14 18.52 -5.98
C GLU D 9 30.92 17.93 -5.27
N VAL D 10 30.44 18.65 -4.26
CA VAL D 10 29.31 18.18 -3.46
C VAL D 10 28.00 18.36 -4.21
N ASN D 11 27.79 19.56 -4.74
CA ASN D 11 26.57 19.87 -5.46
C ASN D 11 26.40 18.99 -6.69
N SER D 12 27.48 18.77 -7.42
CA SER D 12 27.44 17.91 -8.60
C SER D 12 27.25 16.45 -8.25
N ALA D 13 28.00 15.95 -7.27
CA ALA D 13 27.88 14.56 -6.86
C ALA D 13 26.46 14.23 -6.44
N ASN D 14 25.85 15.13 -5.67
CA ASN D 14 24.51 14.89 -5.14
C ASN D 14 23.44 14.77 -6.22
N ILE D 15 23.53 15.59 -7.26
CA ILE D 15 22.50 15.60 -8.28
C ILE D 15 22.63 14.41 -9.25
N TYR D 16 23.81 13.80 -9.28
CA TYR D 16 24.07 12.68 -10.18
C TYR D 16 23.82 11.31 -9.51
N ALA D 17 23.72 11.31 -8.18
CA ALA D 17 23.72 10.07 -7.40
C ALA D 17 22.40 9.30 -7.36
N GLY D 18 21.26 9.99 -7.44
CA GLY D 18 19.96 9.37 -7.17
C GLY D 18 19.47 8.36 -8.19
N PRO D 19 18.26 7.80 -7.96
CA PRO D 19 17.66 6.84 -8.88
C PRO D 19 16.97 7.50 -10.09
N GLY D 20 16.85 8.82 -10.08
CA GLY D 20 16.14 9.51 -11.16
C GLY D 20 14.67 9.71 -10.84
N PRO D 21 13.92 10.29 -11.79
CA PRO D 21 12.54 10.73 -11.56
C PRO D 21 11.43 9.70 -11.85
N ASP D 22 11.77 8.44 -12.11
CA ASP D 22 10.76 7.43 -12.44
C ASP D 22 9.72 7.26 -11.33
N SER D 23 10.18 7.34 -10.09
CA SER D 23 9.31 7.24 -8.92
C SER D 23 8.31 8.39 -8.86
N MET D 24 8.77 9.60 -9.16
CA MET D 24 7.92 10.78 -9.16
C MET D 24 6.95 10.76 -10.33
N LEU D 25 7.41 10.31 -11.49
CA LEU D 25 6.55 10.24 -12.66
C LEU D 25 5.46 9.19 -12.46
N ALA D 26 5.80 8.09 -11.80
CA ALA D 26 4.82 7.04 -11.48
C ALA D 26 3.75 7.57 -10.54
N ALA D 27 4.17 8.36 -9.55
CA ALA D 27 3.26 8.98 -8.60
C ALA D 27 2.29 9.92 -9.31
N ALA D 28 2.80 10.67 -10.28
CA ALA D 28 1.99 11.60 -11.06
C ALA D 28 0.86 10.87 -11.79
N ARG D 29 1.19 9.76 -12.45
CA ARG D 29 0.17 8.95 -13.12
C ARG D 29 -0.82 8.41 -12.11
N ALA D 30 -0.34 8.09 -10.91
CA ALA D 30 -1.20 7.57 -9.86
C ALA D 30 -2.18 8.63 -9.38
N TRP D 31 -1.69 9.84 -9.14
CA TRP D 31 -2.55 10.94 -8.71
C TRP D 31 -3.56 11.29 -9.80
N ARG D 32 -3.13 11.16 -11.06
CA ARG D 32 -4.00 11.44 -12.18
C ARG D 32 -5.19 10.48 -12.18
N SER D 33 -4.91 9.20 -11.96
CA SER D 33 -5.96 8.18 -11.92
C SER D 33 -6.91 8.41 -10.75
N LEU D 34 -6.37 8.83 -9.62
N LEU D 34 -6.37 8.88 -9.63
CA LEU D 34 -7.21 9.20 -8.47
CA LEU D 34 -7.16 9.20 -8.46
C LEU D 34 -8.19 10.30 -8.84
C LEU D 34 -8.14 10.34 -8.76
N ASP D 35 -7.66 11.30 -9.54
CA ASP D 35 -8.47 12.43 -9.97
C ASP D 35 -9.61 11.98 -10.88
N VAL D 36 -9.31 11.07 -11.79
CA VAL D 36 -10.31 10.52 -12.70
C VAL D 36 -11.38 9.76 -11.92
N GLU D 37 -10.93 8.86 -11.05
CA GLU D 37 -11.82 8.05 -10.25
C GLU D 37 -12.73 8.86 -9.34
N MET D 38 -12.16 9.81 -8.62
CA MET D 38 -12.93 10.61 -7.67
C MET D 38 -13.88 11.56 -8.39
N THR D 39 -13.54 11.94 -9.61
CA THR D 39 -14.43 12.75 -10.44
C THR D 39 -15.68 11.96 -10.83
N ALA D 40 -15.48 10.68 -11.17
CA ALA D 40 -16.59 9.80 -11.49
C ALA D 40 -17.42 9.55 -10.23
N VAL D 41 -16.73 9.45 -9.09
CA VAL D 41 -17.39 9.30 -7.80
C VAL D 41 -18.29 10.49 -7.51
N GLN D 42 -17.80 11.69 -7.81
CA GLN D 42 -18.57 12.92 -7.63
C GLN D 42 -19.84 12.88 -8.47
N ARG D 43 -19.70 12.53 -9.75
CA ARG D 43 -20.82 12.43 -10.65
C ARG D 43 -21.87 11.43 -10.16
N SER D 44 -21.40 10.26 -9.71
CA SER D 44 -22.30 9.20 -9.26
C SER D 44 -23.08 9.61 -8.01
N PHE D 45 -22.44 10.41 -7.17
CA PHE D 45 -23.08 10.89 -5.94
C PHE D 45 -24.18 11.89 -6.26
N ASN D 46 -23.96 12.69 -7.31
CA ASN D 46 -24.97 13.65 -7.77
C ASN D 46 -26.12 12.93 -8.45
N ARG D 47 -25.82 11.79 -9.07
CA ARG D 47 -26.83 10.96 -9.72
C ARG D 47 -27.71 10.29 -8.69
N THR D 48 -27.11 9.94 -7.55
CA THR D 48 -27.84 9.29 -6.46
C THR D 48 -28.85 10.24 -5.82
N LEU D 49 -28.40 11.45 -5.48
CA LEU D 49 -29.27 12.45 -4.87
C LEU D 49 -30.40 12.84 -5.81
N LEU D 50 -30.08 12.99 -7.09
CA LEU D 50 -31.09 13.33 -8.10
C LEU D 50 -32.08 12.19 -8.28
N SER D 51 -31.58 10.96 -8.27
CA SER D 51 -32.43 9.78 -8.43
C SER D 51 -33.34 9.60 -7.21
N LEU D 52 -32.90 10.12 -6.07
CA LEU D 52 -33.70 10.06 -4.85
C LEU D 52 -34.70 11.20 -4.81
N MET D 53 -34.34 12.31 -5.44
CA MET D 53 -35.15 13.53 -5.43
C MET D 53 -36.34 13.48 -6.40
N ASP D 54 -36.11 12.98 -7.61
CA ASP D 54 -37.14 13.00 -8.64
C ASP D 54 -38.28 12.02 -8.38
N ALA D 55 -38.06 11.09 -7.45
CA ALA D 55 -39.11 10.15 -7.08
C ALA D 55 -40.25 10.90 -6.39
N TRP D 56 -39.89 11.74 -5.43
CA TRP D 56 -40.86 12.57 -4.72
C TRP D 56 -40.18 13.74 -4.02
N ALA D 57 -40.21 14.91 -4.63
CA ALA D 57 -39.59 16.09 -4.04
C ALA D 57 -40.40 16.55 -2.83
N GLY D 58 -39.90 16.25 -1.65
CA GLY D 58 -40.56 16.59 -0.40
C GLY D 58 -39.62 17.23 0.60
N PRO D 59 -40.15 17.60 1.78
CA PRO D 59 -39.37 18.24 2.85
C PRO D 59 -38.21 17.37 3.34
N VAL D 60 -38.42 16.05 3.40
CA VAL D 60 -37.37 15.13 3.83
C VAL D 60 -36.20 15.14 2.84
N VAL D 61 -36.52 15.17 1.55
CA VAL D 61 -35.52 15.22 0.50
C VAL D 61 -34.77 16.55 0.55
N MET D 62 -35.51 17.63 0.73
CA MET D 62 -34.93 18.97 0.82
C MET D 62 -33.96 19.06 1.99
N GLN D 63 -34.29 18.36 3.08
CA GLN D 63 -33.39 18.26 4.23
C GLN D 63 -32.09 17.58 3.82
N LEU D 64 -32.21 16.47 3.11
CA LEU D 64 -31.03 15.73 2.65
C LEU D 64 -30.23 16.54 1.64
N MET D 65 -30.92 17.27 0.77
CA MET D 65 -30.26 18.12 -0.21
C MET D 65 -29.45 19.21 0.47
N GLU D 66 -30.03 19.81 1.51
CA GLU D 66 -29.35 20.83 2.30
C GLU D 66 -28.24 20.22 3.14
N ALA D 67 -28.50 19.02 3.66
CA ALA D 67 -27.52 18.33 4.50
C ALA D 67 -26.33 17.84 3.70
N ALA D 68 -26.51 17.66 2.39
CA ALA D 68 -25.45 17.13 1.54
C ALA D 68 -24.66 18.25 0.85
N LYS D 69 -25.17 19.47 0.89
CA LYS D 69 -24.52 20.61 0.25
C LYS D 69 -23.07 20.84 0.71
N PRO D 70 -22.80 20.70 2.02
CA PRO D 70 -21.38 20.86 2.37
C PRO D 70 -20.49 19.73 1.83
N PHE D 71 -21.03 18.52 1.74
CA PHE D 71 -20.23 17.38 1.28
C PHE D 71 -19.96 17.43 -0.22
N VAL D 72 -20.95 17.82 -1.01
CA VAL D 72 -20.76 17.93 -2.45
C VAL D 72 -19.81 19.08 -2.77
N ARG D 73 -19.81 20.09 -1.90
CA ARG D 73 -18.89 21.22 -2.03
C ARG D 73 -17.48 20.71 -1.78
N TRP D 74 -17.34 19.94 -0.71
CA TRP D 74 -16.07 19.34 -0.31
C TRP D 74 -15.52 18.42 -1.40
N LEU D 75 -16.40 17.67 -2.04
CA LEU D 75 -16.03 16.74 -3.10
C LEU D 75 -15.43 17.49 -4.31
N THR D 76 -16.01 18.63 -4.64
CA THR D 76 -15.50 19.47 -5.72
C THR D 76 -14.11 19.97 -5.37
N ASP D 77 -13.95 20.45 -4.13
CA ASP D 77 -12.67 20.93 -3.65
C ASP D 77 -11.61 19.83 -3.67
N LEU D 78 -12.01 18.61 -3.31
CA LEU D 78 -11.10 17.47 -3.32
C LEU D 78 -10.54 17.22 -4.72
N CYS D 79 -11.44 17.18 -5.71
CA CYS D 79 -11.05 16.92 -7.09
C CYS D 79 -10.11 18.01 -7.62
N VAL D 80 -10.37 19.26 -7.24
CA VAL D 80 -9.49 20.36 -7.61
C VAL D 80 -8.09 20.14 -7.04
N GLN D 81 -8.01 19.77 -5.77
CA GLN D 81 -6.73 19.52 -5.13
C GLN D 81 -6.00 18.36 -5.77
N LEU D 82 -6.76 17.36 -6.21
CA LEU D 82 -6.17 16.18 -6.82
C LEU D 82 -5.51 16.52 -8.15
N SER D 83 -6.17 17.38 -8.93
CA SER D 83 -5.64 17.78 -10.22
C SER D 83 -4.42 18.69 -10.08
N GLU D 84 -4.23 19.22 -8.88
CA GLU D 84 -3.07 20.07 -8.61
C GLU D 84 -1.84 19.24 -8.32
N VAL D 85 -2.03 18.05 -7.74
CA VAL D 85 -0.90 17.24 -7.34
C VAL D 85 -0.12 16.80 -8.57
N GLU D 86 -0.83 16.35 -9.59
CA GLU D 86 -0.19 15.89 -10.82
C GLU D 86 0.61 17.02 -11.47
N ARG D 87 0.02 18.20 -11.52
CA ARG D 87 0.68 19.35 -12.14
C ARG D 87 1.96 19.73 -11.42
N GLN D 88 1.93 19.69 -10.09
CA GLN D 88 3.07 20.14 -9.30
C GLN D 88 4.20 19.12 -9.24
N ILE D 89 3.86 17.84 -9.32
CA ILE D 89 4.90 16.81 -9.40
C ILE D 89 5.65 16.95 -10.72
N HIS D 90 4.93 17.20 -11.81
CA HIS D 90 5.57 17.43 -13.10
C HIS D 90 6.45 18.68 -13.08
N GLU D 91 6.04 19.70 -12.34
CA GLU D 91 6.86 20.90 -12.23
C GLU D 91 8.13 20.57 -11.45
N ILE D 92 8.01 19.72 -10.44
CA ILE D 92 9.17 19.33 -9.64
C ILE D 92 10.14 18.47 -10.44
N VAL D 93 9.60 17.51 -11.19
CA VAL D 93 10.44 16.68 -12.07
C VAL D 93 11.17 17.54 -13.10
N ARG D 94 10.49 18.51 -13.69
CA ARG D 94 11.11 19.38 -14.69
C ARG D 94 12.24 20.20 -14.07
N ALA D 95 11.99 20.71 -12.87
CA ALA D 95 12.98 21.44 -12.11
C ALA D 95 14.20 20.57 -11.85
N TYR D 96 13.95 19.31 -11.47
CA TYR D 96 15.03 18.37 -11.23
C TYR D 96 15.84 18.11 -12.50
N GLU D 97 15.15 17.93 -13.62
CA GLU D 97 15.80 17.60 -14.88
C GLU D 97 16.71 18.75 -15.33
N TRP D 98 16.27 19.98 -15.09
CA TRP D 98 17.06 21.15 -15.41
C TRP D 98 18.28 21.27 -14.51
N ALA D 99 18.09 20.98 -13.22
CA ALA D 99 19.19 20.98 -12.27
C ALA D 99 20.22 19.94 -12.67
N HIS D 100 19.73 18.76 -13.01
CA HIS D 100 20.57 17.64 -13.46
C HIS D 100 21.31 18.02 -14.75
N HIS D 101 20.61 18.69 -15.66
CA HIS D 101 21.20 19.03 -16.95
C HIS D 101 22.24 20.15 -16.84
N ASP D 102 22.02 21.08 -15.93
CA ASP D 102 22.85 22.28 -15.86
C ASP D 102 24.03 22.18 -14.89
N MET D 103 24.01 21.19 -14.01
CA MET D 103 25.08 21.04 -13.04
C MET D 103 26.42 20.71 -13.72
N VAL D 104 27.52 21.18 -13.14
CA VAL D 104 28.84 20.92 -13.74
C VAL D 104 29.20 19.44 -13.59
N PRO D 105 29.47 18.77 -14.71
CA PRO D 105 29.82 17.33 -14.68
C PRO D 105 31.02 17.06 -13.78
N LEU D 106 30.98 15.94 -13.05
CA LEU D 106 32.05 15.61 -12.12
C LEU D 106 33.41 15.45 -12.79
N ALA D 107 33.40 14.99 -14.03
CA ALA D 107 34.62 14.80 -14.79
C ALA D 107 35.37 16.12 -14.94
N GLN D 108 34.64 17.20 -15.23
CA GLN D 108 35.25 18.50 -15.43
C GLN D 108 35.84 19.06 -14.13
N ILE D 109 35.14 18.83 -13.02
CA ILE D 109 35.63 19.30 -11.73
C ILE D 109 36.86 18.53 -11.28
N TYR D 110 36.78 17.20 -11.34
CA TYR D 110 37.90 16.35 -10.94
C TYR D 110 39.15 16.63 -11.77
N ASN D 111 38.98 16.76 -13.08
CA ASN D 111 40.11 17.02 -13.96
C ASN D 111 40.76 18.37 -13.68
N ASN D 112 39.94 19.35 -13.34
CA ASN D 112 40.45 20.65 -12.93
C ASN D 112 41.32 20.52 -11.69
N ARG D 113 40.77 19.91 -10.64
CA ARG D 113 41.48 19.74 -9.38
C ARG D 113 42.72 18.84 -9.53
N ALA D 114 42.62 17.84 -10.40
CA ALA D 114 43.75 16.96 -10.66
C ALA D 114 44.88 17.75 -11.33
N GLU D 115 44.50 18.54 -12.31
CA GLU D 115 45.43 19.38 -13.05
C GLU D 115 46.12 20.39 -12.12
N ARG D 116 45.34 20.95 -11.20
CA ARG D 116 45.88 21.92 -10.25
C ARG D 116 46.87 21.26 -9.30
N GLN D 117 46.53 20.06 -8.85
CA GLN D 117 47.38 19.32 -7.92
C GLN D 117 48.73 18.96 -8.52
N ILE D 118 48.71 18.60 -9.80
CA ILE D 118 49.94 18.24 -10.51
C ILE D 118 50.85 19.47 -10.62
N LEU D 119 50.25 20.59 -11.00
CA LEU D 119 50.97 21.85 -11.11
C LEU D 119 51.56 22.30 -9.78
N ILE D 120 50.76 22.21 -8.73
CA ILE D 120 51.20 22.59 -7.39
C ILE D 120 52.38 21.75 -6.90
N ASP D 121 52.30 20.43 -7.15
CA ASP D 121 53.35 19.52 -6.72
C ASP D 121 54.70 19.86 -7.34
N ASN D 122 54.69 20.59 -8.46
CA ASN D 122 55.93 20.94 -9.14
C ASN D 122 56.20 22.45 -9.22
N ASN D 123 55.64 23.22 -8.30
CA ASN D 123 55.74 24.67 -8.38
C ASN D 123 56.66 25.27 -7.31
N ALA D 124 57.65 24.49 -6.87
CA ALA D 124 58.64 24.98 -5.91
C ALA D 124 59.31 26.27 -6.39
N LEU D 125 59.49 26.40 -7.70
CA LEU D 125 60.14 27.56 -8.28
C LEU D 125 59.15 28.65 -8.71
N GLY D 126 57.86 28.34 -8.67
CA GLY D 126 56.83 29.34 -8.90
C GLY D 126 56.50 29.64 -10.35
N GLN D 127 56.93 28.77 -11.25
CA GLN D 127 56.69 28.97 -12.68
C GLN D 127 55.24 28.65 -13.11
N PHE D 128 54.49 27.99 -12.23
CA PHE D 128 53.14 27.55 -12.59
C PHE D 128 52.01 28.33 -11.92
N THR D 129 52.35 29.41 -11.23
CA THR D 129 51.36 30.18 -10.47
C THR D 129 50.23 30.74 -11.34
N ALA D 130 50.57 31.24 -12.52
CA ALA D 130 49.57 31.77 -13.45
C ALA D 130 48.59 30.68 -13.90
N GLN D 131 49.12 29.51 -14.23
CA GLN D 131 48.27 28.41 -14.68
C GLN D 131 47.40 27.91 -13.53
N ILE D 132 47.97 27.90 -12.33
CA ILE D 132 47.20 27.54 -11.14
C ILE D 132 46.10 28.58 -10.92
N ALA D 133 46.42 29.85 -11.17
CA ALA D 133 45.44 30.91 -11.10
C ALA D 133 44.29 30.70 -12.10
N ASP D 134 44.62 30.24 -13.31
CA ASP D 134 43.60 29.96 -14.32
C ASP D 134 42.66 28.87 -13.83
N LEU D 135 43.22 27.81 -13.24
CA LEU D 135 42.44 26.68 -12.75
C LEU D 135 41.60 27.06 -11.53
N ASP D 136 42.14 27.92 -10.67
CA ASP D 136 41.38 28.38 -9.51
C ASP D 136 40.18 29.20 -9.96
N GLN D 137 40.38 30.00 -11.00
CA GLN D 137 39.31 30.79 -11.59
C GLN D 137 38.20 29.91 -12.18
N GLU D 138 38.60 28.89 -12.93
CA GLU D 138 37.65 27.97 -13.53
C GLU D 138 36.86 27.24 -12.46
N TYR D 139 37.57 26.79 -11.43
CA TYR D 139 36.95 26.08 -10.32
C TYR D 139 35.94 26.93 -9.58
N ASP D 140 36.29 28.20 -9.35
CA ASP D 140 35.38 29.14 -8.73
C ASP D 140 34.15 29.38 -9.60
N ASP D 141 34.34 29.38 -10.91
CA ASP D 141 33.21 29.48 -11.83
C ASP D 141 32.28 28.27 -11.67
N PHE D 142 32.87 27.09 -11.54
CA PHE D 142 32.12 25.85 -11.29
C PHE D 142 31.28 25.97 -10.03
N TRP D 143 31.92 26.49 -8.99
CA TRP D 143 31.30 26.71 -7.69
C TRP D 143 30.06 27.59 -7.81
N ASP D 144 30.23 28.76 -8.43
CA ASP D 144 29.13 29.71 -8.58
C ASP D 144 28.02 29.14 -9.45
N GLU D 145 28.40 28.42 -10.50
CA GLU D 145 27.42 27.84 -11.42
C GLU D 145 26.57 26.80 -10.71
N ASP D 146 27.21 25.89 -9.97
CA ASP D 146 26.48 24.88 -9.20
C ASP D 146 25.59 25.54 -8.16
N GLY D 147 26.10 26.59 -7.54
CA GLY D 147 25.35 27.36 -6.56
C GLY D 147 24.09 27.96 -7.15
N GLU D 148 24.22 28.59 -8.31
CA GLU D 148 23.07 29.19 -8.98
C GLU D 148 22.05 28.14 -9.38
N VAL D 149 22.52 27.00 -9.89
CA VAL D 149 21.63 25.92 -10.31
C VAL D 149 20.83 25.36 -9.13
N MET D 150 21.49 25.15 -8.01
CA MET D 150 20.82 24.62 -6.83
C MET D 150 19.86 25.64 -6.22
N ARG D 151 20.20 26.93 -6.36
CA ARG D 151 19.32 27.98 -5.88
C ARG D 151 17.99 27.98 -6.63
N ASP D 152 18.06 27.89 -7.95
CA ASP D 152 16.86 27.87 -8.77
C ASP D 152 16.04 26.60 -8.54
N TYR D 153 16.73 25.49 -8.34
CA TYR D 153 16.08 24.21 -8.04
C TYR D 153 15.26 24.32 -6.77
N ARG D 154 15.88 24.82 -5.70
CA ARG D 154 15.20 25.01 -4.42
C ARG D 154 14.01 25.96 -4.55
N LEU D 155 14.18 27.05 -5.27
CA LEU D 155 13.10 28.02 -5.46
C LEU D 155 11.91 27.42 -6.21
N ARG D 156 12.19 26.65 -7.26
CA ARG D 156 11.12 26.06 -8.06
C ARG D 156 10.37 24.97 -7.31
N VAL D 157 11.09 24.19 -6.50
CA VAL D 157 10.46 23.15 -5.70
C VAL D 157 9.65 23.74 -4.55
N SER D 158 10.19 24.76 -3.89
CA SER D 158 9.47 25.45 -2.83
C SER D 158 8.18 26.04 -3.38
N ASP D 159 8.28 26.62 -4.58
CA ASP D 159 7.12 27.17 -5.27
C ASP D 159 6.05 26.10 -5.54
N ALA D 160 6.48 24.94 -6.01
CA ALA D 160 5.57 23.86 -6.35
C ALA D 160 4.86 23.27 -5.13
N LEU D 161 5.61 23.06 -4.06
CA LEU D 161 5.05 22.46 -2.84
C LEU D 161 4.05 23.40 -2.16
N SER D 162 4.23 24.70 -2.36
CA SER D 162 3.36 25.70 -1.74
C SER D 162 1.99 25.76 -2.40
N LYS D 163 1.85 25.16 -3.57
CA LYS D 163 0.56 25.10 -4.24
C LYS D 163 -0.24 23.87 -3.81
N LEU D 164 0.40 22.98 -3.05
CA LEU D 164 -0.27 21.77 -2.59
C LEU D 164 -0.97 22.00 -1.25
N THR D 165 -2.22 22.44 -1.33
CA THR D 165 -3.05 22.73 -0.16
C THR D 165 -3.26 21.49 0.72
N PRO D 166 -3.23 21.67 2.05
CA PRO D 166 -3.50 20.56 2.99
C PRO D 166 -4.90 19.97 2.83
N TRP D 167 -4.99 18.64 2.91
CA TRP D 167 -6.27 17.96 2.78
C TRP D 167 -7.17 18.30 3.97
N LYS D 168 -8.42 18.62 3.69
CA LYS D 168 -9.37 18.94 4.74
C LYS D 168 -10.32 17.77 5.02
N ALA D 169 -10.64 17.57 6.29
CA ALA D 169 -11.57 16.50 6.67
C ALA D 169 -12.96 16.80 6.13
N PRO D 170 -13.67 15.78 5.63
CA PRO D 170 -15.00 15.96 5.05
C PRO D 170 -16.04 16.31 6.12
N PRO D 171 -17.03 17.15 5.75
CA PRO D 171 -18.13 17.47 6.66
C PRO D 171 -19.11 16.32 6.75
N PRO D 172 -19.84 16.22 7.86
CA PRO D 172 -20.84 15.15 7.95
C PRO D 172 -22.00 15.41 6.99
N ILE D 173 -22.70 14.36 6.59
CA ILE D 173 -23.91 14.52 5.81
C ILE D 173 -25.10 14.50 6.77
N ALA D 174 -25.04 13.60 7.74
CA ALA D 174 -26.01 13.59 8.83
C ALA D 174 -25.82 14.85 9.69
#